data_2TSC
#
_entry.id   2TSC
#
_cell.length_a   127.100
_cell.length_b   127.100
_cell.length_c   67.900
_cell.angle_alpha   90.00
_cell.angle_beta   90.00
_cell.angle_gamma   120.00
#
_symmetry.space_group_name_H-M   'P 63'
#
loop_
_entity.id
_entity.type
_entity.pdbx_description
1 polymer 'THYMIDYLATE SYNTHASE'
2 non-polymer "2'-DEOXYURIDINE 5'-MONOPHOSPHATE"
3 non-polymer '10-PROPARGYL-5,8-DIDEAZAFOLIC ACID'
4 water water
#
_entity_poly.entity_id   1
_entity_poly.type   'polypeptide(L)'
_entity_poly.pdbx_seq_one_letter_code
;MKQYLELMQKVLDEGTQKNDRTGTGTLSIFGHQMRFNLQDGFPLVTTKRCHLRSIIHELLWFLQGDTNIAYLHENNVTIW
DEWADENGDLGPVYGKQWRAWPTPDGRHIDQITTVLNQLKNDPDSRRIIVSAWNVGELDKMALAPCHAFFQFYVADGKLS
CQLYQRSCDVFLGLPFNIASYALLVHMMAQQCDLEVGDFVWTGGDTHLYSNHMDQTHLQLSREPRPLPKLIIKRAPESIF
DYRFEDFEIEGYDPHPGIKAPVAI
;
_entity_poly.pdbx_strand_id   A,B
#
loop_
_chem_comp.id
_chem_comp.type
_chem_comp.name
_chem_comp.formula
CB3 non-polymer '10-PROPARGYL-5,8-DIDEAZAFOLIC ACID' 'C24 H23 N5 O6'
UMP non-polymer '2'-DEOXYURIDINE 5'-MONOPHOSPHATE' 'C9 H13 N2 O8 P'
#
# COMPACT_ATOMS: atom_id res chain seq x y z
N MET A 1 10.29 3.49 20.96
CA MET A 1 9.48 4.72 20.63
C MET A 1 7.98 4.69 20.90
N LYS A 2 7.42 5.83 21.14
CA LYS A 2 6.01 6.01 21.45
C LYS A 2 5.11 5.20 20.57
N GLN A 3 5.11 5.47 19.31
CA GLN A 3 4.36 4.84 18.25
C GLN A 3 4.46 3.33 18.08
N TYR A 4 5.68 2.81 18.08
CA TYR A 4 5.97 1.38 17.97
C TYR A 4 5.45 0.63 19.18
N LEU A 5 5.67 1.19 20.40
CA LEU A 5 5.20 0.67 21.68
C LEU A 5 3.68 0.64 21.70
N GLU A 6 2.98 1.63 21.20
CA GLU A 6 1.51 1.58 21.17
C GLU A 6 1.00 0.56 20.15
N LEU A 7 1.75 0.33 19.08
CA LEU A 7 1.44 -0.66 18.06
C LEU A 7 1.58 -2.04 18.72
N MET A 8 2.64 -2.26 19.45
CA MET A 8 2.96 -3.52 20.11
C MET A 8 1.82 -3.83 21.07
N GLN A 9 1.32 -2.95 21.87
CA GLN A 9 0.17 -3.06 22.77
C GLN A 9 -1.12 -3.33 22.03
N LYS A 10 -1.31 -2.79 20.86
CA LYS A 10 -2.49 -2.96 20.00
C LYS A 10 -2.50 -4.43 19.58
N VAL A 11 -1.45 -5.03 19.10
CA VAL A 11 -1.40 -6.39 18.65
C VAL A 11 -1.75 -7.27 19.80
N LEU A 12 -1.26 -7.07 20.98
CA LEU A 12 -1.58 -7.83 22.20
C LEU A 12 -3.05 -7.67 22.61
N ASP A 13 -3.57 -6.46 22.52
CA ASP A 13 -4.94 -6.14 22.91
C ASP A 13 -5.99 -6.57 21.87
N GLU A 14 -5.60 -6.33 20.62
CA GLU A 14 -6.51 -6.72 19.52
C GLU A 14 -6.12 -7.86 18.59
N GLY A 15 -5.02 -8.52 18.66
CA GLY A 15 -4.52 -9.55 17.83
C GLY A 15 -5.36 -10.78 17.86
N THR A 16 -5.26 -11.64 16.84
CA THR A 16 -6.05 -12.90 16.87
C THR A 16 -5.02 -13.97 16.67
N GLN A 17 -5.14 -15.10 17.29
CA GLN A 17 -4.16 -16.18 17.07
C GLN A 17 -4.34 -16.78 15.70
N LYS A 18 -3.29 -16.77 14.92
CA LYS A 18 -3.27 -17.32 13.55
C LYS A 18 -2.08 -18.27 13.43
N ASN A 19 -2.18 -19.18 12.47
CA ASN A 19 -1.11 -20.12 12.10
C ASN A 19 -0.30 -19.43 10.99
N ASP A 20 0.97 -19.77 10.86
CA ASP A 20 1.64 -19.09 9.71
C ASP A 20 2.47 -20.10 8.95
N ARG A 21 2.99 -19.72 7.76
CA ARG A 21 3.84 -20.69 7.09
C ARG A 21 5.06 -21.13 7.87
N THR A 22 5.72 -20.26 8.63
CA THR A 22 6.92 -20.68 9.37
C THR A 22 6.59 -21.79 10.36
N GLY A 23 5.33 -22.02 10.62
CA GLY A 23 4.88 -23.05 11.59
C GLY A 23 4.93 -22.48 12.99
N THR A 24 5.34 -21.22 13.21
CA THR A 24 5.41 -20.69 14.59
C THR A 24 4.14 -20.26 15.28
N GLY A 25 3.24 -19.58 14.64
CA GLY A 25 1.97 -19.10 15.21
C GLY A 25 2.20 -17.66 15.58
N THR A 26 1.27 -16.80 15.28
CA THR A 26 1.40 -15.37 15.65
C THR A 26 0.13 -14.88 16.35
N LEU A 27 0.25 -13.70 16.83
CA LEU A 27 -0.90 -12.94 17.35
C LEU A 27 -0.91 -11.88 16.19
N SER A 28 -1.98 -11.66 15.47
CA SER A 28 -1.87 -10.62 14.41
C SER A 28 -3.09 -9.75 14.28
N ILE A 29 -3.01 -8.58 13.75
CA ILE A 29 -4.04 -7.61 13.49
C ILE A 29 -3.76 -7.33 11.98
N PHE A 30 -4.70 -6.68 11.34
CA PHE A 30 -4.70 -6.37 9.92
C PHE A 30 -5.05 -4.90 9.70
N GLY A 31 -4.05 -4.21 9.22
CA GLY A 31 -4.18 -2.81 8.83
C GLY A 31 -3.87 -1.89 9.98
N HIS A 32 -2.85 -1.12 9.87
CA HIS A 32 -2.51 -0.16 10.96
C HIS A 32 -1.79 0.96 10.25
N GLN A 33 -1.70 2.18 10.79
CA GLN A 33 -0.93 3.23 10.11
C GLN A 33 -0.29 4.07 11.17
N MET A 34 1.00 4.37 11.02
CA MET A 34 1.69 5.23 11.99
C MET A 34 2.52 6.29 11.24
N ARG A 35 2.84 7.40 11.86
CA ARG A 35 3.57 8.46 11.17
C ARG A 35 4.69 8.92 12.00
N PHE A 36 5.82 9.26 11.40
CA PHE A 36 6.97 9.71 12.17
C PHE A 36 7.43 11.02 11.54
N ASN A 37 7.44 12.16 12.26
CA ASN A 37 8.02 13.38 11.69
C ASN A 37 9.53 13.27 11.88
N LEU A 38 10.18 13.20 10.73
CA LEU A 38 11.63 13.02 10.82
C LEU A 38 12.36 14.19 11.31
N GLN A 39 11.60 15.24 11.53
CA GLN A 39 12.13 16.48 12.12
C GLN A 39 12.14 16.24 13.61
N ASP A 40 11.41 15.33 14.25
CA ASP A 40 11.47 15.15 15.66
C ASP A 40 12.76 14.39 15.97
N GLY A 41 13.35 13.65 15.07
CA GLY A 41 14.57 12.92 15.49
C GLY A 41 14.59 11.67 14.59
N PHE A 42 15.69 11.00 14.62
CA PHE A 42 15.81 9.76 13.73
C PHE A 42 15.12 8.63 14.43
N PRO A 43 14.20 8.01 13.71
CA PRO A 43 13.39 6.93 14.33
C PRO A 43 14.07 5.59 14.56
N LEU A 44 15.06 5.56 15.45
CA LEU A 44 15.77 4.29 15.78
C LEU A 44 15.28 3.87 17.15
N VAL A 45 14.71 2.66 17.32
CA VAL A 45 14.23 2.30 18.68
C VAL A 45 15.24 2.48 19.81
N THR A 46 14.71 2.99 20.95
CA THR A 46 15.49 3.16 22.17
C THR A 46 15.21 2.14 23.30
N THR A 47 14.13 1.44 23.24
CA THR A 47 13.70 0.51 24.30
C THR A 47 14.45 -0.81 24.22
N LYS A 48 15.24 -0.95 23.15
CA LYS A 48 16.10 -2.12 23.00
C LYS A 48 17.26 -1.53 22.22
N ARG A 49 18.43 -2.03 22.33
CA ARG A 49 19.55 -1.52 21.55
C ARG A 49 19.55 -2.01 20.10
N CYS A 50 19.61 -1.15 19.13
CA CYS A 50 19.66 -1.52 17.73
C CYS A 50 21.08 -1.29 17.23
N HIS A 51 21.38 -1.95 16.15
CA HIS A 51 22.67 -1.89 15.47
C HIS A 51 22.53 -1.24 14.12
N LEU A 52 23.01 -0.01 13.97
CA LEU A 52 22.93 0.69 12.69
C LEU A 52 23.80 0.04 11.65
N ARG A 53 24.93 -0.51 11.97
CA ARG A 53 25.83 -1.19 11.06
C ARG A 53 25.08 -2.01 10.00
N SER A 54 24.16 -2.89 10.40
CA SER A 54 23.39 -3.76 9.51
C SER A 54 22.28 -3.08 8.76
N ILE A 55 21.63 -2.10 9.29
CA ILE A 55 20.57 -1.34 8.62
C ILE A 55 21.25 -0.61 7.47
N ILE A 56 22.37 0.00 7.74
CA ILE A 56 23.07 0.80 6.73
C ILE A 56 23.57 -0.09 5.65
N HIS A 57 24.28 -1.14 5.95
CA HIS A 57 24.75 -2.07 4.90
C HIS A 57 23.59 -2.65 4.13
N GLU A 58 22.51 -3.10 4.71
CA GLU A 58 21.43 -3.67 3.85
C GLU A 58 20.92 -2.61 2.90
N LEU A 59 20.78 -1.36 3.27
CA LEU A 59 20.34 -0.29 2.42
C LEU A 59 21.28 0.07 1.28
N LEU A 60 22.55 0.08 1.39
CA LEU A 60 23.57 0.38 0.42
C LEU A 60 23.49 -0.67 -0.64
N TRP A 61 23.32 -1.91 -0.24
CA TRP A 61 23.21 -3.15 -0.99
C TRP A 61 21.98 -3.08 -1.88
N PHE A 62 20.80 -2.71 -1.39
CA PHE A 62 19.62 -2.60 -2.27
C PHE A 62 19.87 -1.47 -3.29
N LEU A 63 20.40 -0.36 -2.86
CA LEU A 63 20.69 0.74 -3.81
C LEU A 63 21.67 0.26 -4.91
N GLN A 64 22.53 -0.68 -4.59
CA GLN A 64 23.46 -1.29 -5.54
C GLN A 64 22.75 -2.23 -6.54
N GLY A 65 21.54 -2.67 -6.35
CA GLY A 65 20.80 -3.62 -7.24
C GLY A 65 21.25 -5.03 -6.97
N ASP A 66 22.07 -5.24 -5.94
CA ASP A 66 22.64 -6.47 -5.47
C ASP A 66 21.61 -7.32 -4.71
N THR A 67 21.74 -8.64 -4.92
CA THR A 67 20.84 -9.60 -4.31
C THR A 67 21.57 -10.89 -3.89
N ASN A 68 22.90 -10.84 -3.85
CA ASN A 68 23.80 -11.91 -3.43
C ASN A 68 24.36 -11.39 -2.11
N ILE A 69 24.48 -12.22 -1.10
CA ILE A 69 24.91 -11.78 0.22
C ILE A 69 26.38 -11.57 0.51
N ALA A 70 27.19 -11.80 -0.45
CA ALA A 70 28.65 -11.70 -0.25
C ALA A 70 28.96 -10.34 0.25
N TYR A 71 28.45 -9.32 -0.40
CA TYR A 71 28.68 -7.93 0.04
C TYR A 71 28.37 -7.81 1.53
N LEU A 72 27.20 -8.40 1.83
CA LEU A 72 26.73 -8.40 3.22
C LEU A 72 27.81 -9.07 4.02
N HIS A 73 28.35 -10.19 3.63
CA HIS A 73 29.41 -10.86 4.39
C HIS A 73 30.71 -10.06 4.50
N GLU A 74 31.20 -9.48 3.43
CA GLU A 74 32.38 -8.64 3.40
C GLU A 74 32.31 -7.64 4.58
N ASN A 75 31.12 -7.31 5.00
CA ASN A 75 30.77 -6.35 6.04
C ASN A 75 30.24 -6.90 7.33
N ASN A 76 30.35 -8.20 7.50
CA ASN A 76 29.90 -8.87 8.73
C ASN A 76 28.42 -8.82 9.01
N VAL A 77 27.62 -8.67 7.96
CA VAL A 77 26.18 -8.66 8.11
C VAL A 77 25.63 -10.00 7.68
N THR A 78 24.99 -10.65 8.65
CA THR A 78 24.39 -11.97 8.38
C THR A 78 22.91 -11.93 8.50
N ILE A 79 22.10 -10.92 8.38
CA ILE A 79 20.65 -10.94 8.56
C ILE A 79 19.88 -11.79 7.58
N TRP A 80 20.52 -11.99 6.41
CA TRP A 80 19.96 -12.74 5.31
C TRP A 80 20.48 -14.14 5.08
N ASP A 81 21.45 -14.61 5.74
CA ASP A 81 22.01 -15.97 5.51
C ASP A 81 20.98 -17.15 5.49
N GLU A 82 20.00 -17.09 6.38
CA GLU A 82 19.00 -18.12 6.51
C GLU A 82 18.18 -18.46 5.27
N TRP A 83 18.21 -17.56 4.32
CA TRP A 83 17.38 -17.60 3.13
C TRP A 83 18.21 -17.69 1.86
N ALA A 84 19.50 -17.52 1.96
CA ALA A 84 20.31 -17.63 0.72
C ALA A 84 20.50 -19.07 0.32
N ASP A 85 20.74 -19.32 -0.95
CA ASP A 85 21.05 -20.62 -1.51
C ASP A 85 22.55 -20.80 -1.31
N GLU A 86 23.06 -21.88 -1.80
CA GLU A 86 24.42 -22.41 -1.74
C GLU A 86 25.46 -21.47 -2.29
N ASN A 87 24.99 -20.67 -3.21
CA ASN A 87 25.75 -19.63 -3.89
C ASN A 87 25.68 -18.22 -3.28
N GLY A 88 24.77 -18.08 -2.36
CA GLY A 88 24.51 -16.81 -1.67
C GLY A 88 23.39 -16.00 -2.28
N ASP A 89 22.67 -16.58 -3.20
CA ASP A 89 21.60 -15.84 -3.88
C ASP A 89 20.28 -15.91 -3.15
N LEU A 90 19.55 -14.82 -3.33
CA LEU A 90 18.23 -14.64 -2.76
C LEU A 90 17.17 -14.63 -3.86
N GLY A 91 17.66 -14.51 -5.07
CA GLY A 91 16.74 -14.46 -6.24
C GLY A 91 16.56 -12.94 -6.45
N PRO A 92 15.62 -12.59 -7.29
CA PRO A 92 15.37 -11.19 -7.70
C PRO A 92 14.56 -10.33 -6.73
N VAL A 93 14.98 -10.21 -5.50
CA VAL A 93 14.37 -9.50 -4.35
C VAL A 93 14.59 -8.01 -4.56
N TYR A 94 14.42 -7.23 -3.57
CA TYR A 94 14.46 -5.81 -3.46
C TYR A 94 15.45 -5.13 -4.39
N GLY A 95 16.76 -5.34 -4.22
CA GLY A 95 17.76 -4.66 -5.00
C GLY A 95 17.52 -4.77 -6.47
N LYS A 96 17.14 -5.90 -6.99
CA LYS A 96 16.84 -6.17 -8.41
C LYS A 96 15.63 -5.39 -8.90
N GLN A 97 14.53 -5.47 -8.19
CA GLN A 97 13.27 -4.80 -8.54
C GLN A 97 13.45 -3.29 -8.52
N TRP A 98 14.17 -2.81 -7.55
CA TRP A 98 14.45 -1.36 -7.38
C TRP A 98 15.12 -0.73 -8.59
N ARG A 99 16.14 -1.44 -9.02
CA ARG A 99 17.07 -1.02 -10.09
C ARG A 99 16.91 -1.56 -11.45
N ALA A 100 16.28 -2.66 -11.65
CA ALA A 100 16.08 -3.33 -12.96
C ALA A 100 14.84 -4.20 -13.02
N TRP A 101 13.72 -3.59 -12.90
CA TRP A 101 12.43 -4.35 -13.01
C TRP A 101 12.37 -4.73 -14.47
N PRO A 102 12.28 -6.03 -14.75
CA PRO A 102 12.17 -6.50 -16.16
C PRO A 102 10.77 -6.27 -16.81
N THR A 103 10.69 -5.63 -17.98
CA THR A 103 9.39 -5.44 -18.64
C THR A 103 9.18 -6.62 -19.55
N PRO A 104 7.96 -6.78 -20.05
CA PRO A 104 7.63 -7.88 -21.00
C PRO A 104 8.32 -7.78 -22.35
N ASP A 105 8.60 -6.64 -22.88
CA ASP A 105 9.26 -6.33 -24.13
C ASP A 105 10.73 -6.10 -24.06
N GLY A 106 11.42 -6.69 -23.10
CA GLY A 106 12.85 -6.69 -22.94
C GLY A 106 13.62 -5.53 -22.38
N ARG A 107 13.00 -4.60 -21.68
CA ARG A 107 13.57 -3.48 -20.99
C ARG A 107 13.68 -3.77 -19.51
N HIS A 108 14.38 -2.86 -18.87
CA HIS A 108 14.57 -2.96 -17.40
C HIS A 108 14.29 -1.52 -16.90
N ILE A 109 13.44 -1.40 -15.89
CA ILE A 109 13.26 -0.01 -15.41
C ILE A 109 13.98 0.24 -14.09
N ASP A 110 14.86 1.27 -14.00
CA ASP A 110 15.55 1.67 -12.82
C ASP A 110 14.58 2.63 -12.08
N GLN A 111 13.90 2.05 -11.08
CA GLN A 111 12.90 2.75 -10.28
C GLN A 111 13.45 3.83 -9.43
N ILE A 112 14.68 3.63 -8.98
CA ILE A 112 15.37 4.61 -8.14
C ILE A 112 15.69 5.82 -8.97
N THR A 113 16.39 5.66 -10.08
CA THR A 113 16.65 6.95 -10.79
C THR A 113 15.37 7.55 -11.39
N THR A 114 14.31 6.81 -11.60
CA THR A 114 13.07 7.36 -12.11
C THR A 114 12.40 8.23 -11.02
N VAL A 115 12.49 7.77 -9.79
CA VAL A 115 11.87 8.57 -8.67
C VAL A 115 12.63 9.89 -8.49
N LEU A 116 13.95 9.84 -8.64
CA LEU A 116 14.86 10.95 -8.62
C LEU A 116 14.55 11.89 -9.74
N ASN A 117 14.24 11.49 -10.98
CA ASN A 117 13.91 12.42 -12.07
C ASN A 117 12.59 13.12 -11.82
N GLN A 118 11.60 12.45 -11.29
CA GLN A 118 10.29 13.02 -10.87
C GLN A 118 10.43 14.03 -9.74
N LEU A 119 11.31 13.67 -8.79
CA LEU A 119 11.48 14.58 -7.64
C LEU A 119 12.02 15.91 -8.17
N LYS A 120 12.93 15.82 -9.10
CA LYS A 120 13.56 16.93 -9.76
C LYS A 120 12.66 17.61 -10.75
N ASN A 121 11.95 16.99 -11.60
CA ASN A 121 11.13 17.70 -12.60
C ASN A 121 9.65 17.80 -12.33
N ASP A 122 9.05 17.04 -11.50
CA ASP A 122 7.58 17.12 -11.23
C ASP A 122 7.33 16.47 -9.87
N PRO A 123 7.83 17.17 -8.83
CA PRO A 123 7.74 16.71 -7.43
C PRO A 123 6.30 16.58 -7.02
N ASP A 124 5.47 17.16 -7.84
CA ASP A 124 4.01 17.16 -7.74
C ASP A 124 3.44 15.90 -8.41
N SER A 125 4.00 15.04 -9.25
CA SER A 125 3.17 13.91 -9.65
C SER A 125 2.69 13.14 -8.40
N ARG A 126 1.59 12.42 -8.66
CA ARG A 126 0.90 11.53 -7.74
C ARG A 126 1.29 10.09 -8.00
N ARG A 127 2.32 9.81 -8.76
CA ARG A 127 2.93 8.55 -9.20
C ARG A 127 4.38 8.32 -8.89
N ILE A 128 4.92 8.93 -7.87
CA ILE A 128 6.33 8.84 -7.42
C ILE A 128 6.39 7.55 -6.57
N ILE A 129 6.39 6.42 -7.27
CA ILE A 129 6.34 5.10 -6.63
C ILE A 129 7.44 4.15 -7.00
N VAL A 130 7.93 3.28 -6.19
CA VAL A 130 8.90 2.22 -6.32
C VAL A 130 8.13 1.00 -5.72
N SER A 131 8.02 -0.05 -6.34
CA SER A 131 7.44 -1.33 -6.07
C SER A 131 8.47 -2.46 -6.14
N ALA A 132 8.44 -3.32 -5.13
CA ALA A 132 9.23 -4.55 -5.15
C ALA A 132 8.33 -5.68 -5.55
N TRP A 133 7.01 -5.40 -5.59
CA TRP A 133 6.00 -6.48 -5.91
C TRP A 133 5.85 -6.93 -7.33
N ASN A 134 6.87 -7.53 -7.90
CA ASN A 134 6.88 -8.10 -9.28
C ASN A 134 6.30 -9.50 -9.30
N VAL A 135 5.05 -9.64 -9.67
CA VAL A 135 4.18 -10.78 -9.70
C VAL A 135 4.81 -11.88 -10.50
N GLY A 136 5.41 -11.54 -11.63
CA GLY A 136 6.07 -12.38 -12.62
C GLY A 136 7.36 -13.05 -12.14
N GLU A 137 7.99 -12.52 -11.05
CA GLU A 137 9.19 -13.10 -10.51
C GLU A 137 9.10 -13.56 -9.09
N LEU A 138 7.93 -13.48 -8.53
CA LEU A 138 7.71 -13.84 -7.13
C LEU A 138 8.20 -15.23 -6.86
N ASP A 139 8.03 -16.16 -7.76
CA ASP A 139 8.39 -17.56 -7.74
C ASP A 139 9.90 -17.81 -7.67
N LYS A 140 10.70 -16.86 -8.11
CA LYS A 140 12.16 -16.98 -8.09
C LYS A 140 12.82 -16.31 -6.87
N MET A 141 12.05 -15.70 -6.00
CA MET A 141 12.54 -14.99 -4.83
C MET A 141 12.68 -15.87 -3.57
N ALA A 142 13.77 -15.79 -2.85
CA ALA A 142 13.94 -16.63 -1.67
C ALA A 142 12.83 -16.32 -0.67
N LEU A 143 12.39 -15.08 -0.52
CA LEU A 143 11.27 -14.70 0.38
C LEU A 143 10.50 -13.58 -0.32
N ALA A 144 9.17 -13.58 -0.37
CA ALA A 144 8.45 -12.41 -1.02
C ALA A 144 8.69 -11.12 -0.31
N PRO A 145 8.79 -10.01 -1.02
CA PRO A 145 9.06 -8.71 -0.42
C PRO A 145 8.19 -8.43 0.78
N CYS A 146 8.75 -8.04 1.97
CA CYS A 146 7.85 -7.68 3.10
C CYS A 146 7.45 -6.20 2.96
N HIS A 147 8.46 -5.39 2.76
CA HIS A 147 8.24 -3.95 2.49
C HIS A 147 8.11 -3.92 0.99
N ALA A 148 6.87 -4.01 0.56
CA ALA A 148 6.42 -4.11 -0.83
C ALA A 148 6.32 -2.94 -1.78
N PHE A 149 5.92 -1.76 -1.39
CA PHE A 149 5.59 -0.65 -2.26
C PHE A 149 5.75 0.67 -1.54
N PHE A 150 6.25 1.75 -2.10
CA PHE A 150 6.41 3.01 -1.38
C PHE A 150 6.18 4.20 -2.27
N GLN A 151 5.72 5.29 -1.77
CA GLN A 151 5.41 6.52 -2.55
C GLN A 151 5.96 7.73 -1.87
N PHE A 152 6.56 8.65 -2.50
CA PHE A 152 7.16 9.91 -2.11
C PHE A 152 6.14 11.02 -2.35
N TYR A 153 6.25 12.06 -1.58
CA TYR A 153 5.36 13.25 -1.60
C TYR A 153 6.20 14.45 -1.20
N VAL A 154 5.98 15.59 -1.80
CA VAL A 154 6.68 16.83 -1.54
C VAL A 154 5.59 17.87 -1.30
N ALA A 155 5.62 18.60 -0.19
CA ALA A 155 4.55 19.60 0.03
C ALA A 155 5.11 20.98 0.36
N ASP A 156 5.81 21.05 1.45
CA ASP A 156 6.24 22.48 1.79
C ASP A 156 7.76 22.44 1.74
N GLY A 157 8.31 21.96 0.63
CA GLY A 157 9.77 21.86 0.56
C GLY A 157 10.27 20.71 1.42
N LYS A 158 9.37 19.86 1.85
CA LYS A 158 9.67 18.69 2.72
C LYS A 158 9.35 17.42 1.99
N LEU A 159 10.23 16.41 2.08
CA LEU A 159 9.98 15.14 1.40
C LEU A 159 9.36 14.12 2.33
N SER A 160 8.26 13.51 2.05
CA SER A 160 7.65 12.44 2.90
C SER A 160 7.62 11.13 2.09
N CYS A 161 7.26 10.06 2.73
CA CYS A 161 7.25 8.76 2.14
C CYS A 161 6.30 7.87 2.89
N GLN A 162 5.41 7.16 2.25
CA GLN A 162 4.46 6.22 2.88
C GLN A 162 4.89 4.82 2.40
N LEU A 163 5.15 3.86 3.23
CA LEU A 163 5.50 2.50 2.80
C LEU A 163 4.31 1.61 3.09
N TYR A 164 4.08 0.62 2.30
CA TYR A 164 3.03 -0.36 2.49
C TYR A 164 3.85 -1.65 2.74
N GLN A 165 3.70 -2.13 3.98
CA GLN A 165 4.36 -3.36 4.41
C GLN A 165 3.28 -4.42 4.44
N ARG A 166 3.33 -5.41 3.57
CA ARG A 166 2.29 -6.48 3.51
C ARG A 166 2.31 -7.52 4.64
N SER A 167 3.50 -7.72 5.17
CA SER A 167 3.91 -8.55 6.25
C SER A 167 4.90 -7.93 7.25
N CYS A 168 4.50 -7.94 8.53
CA CYS A 168 5.34 -7.40 9.58
C CYS A 168 5.73 -8.13 10.84
N ASP A 169 7.00 -8.56 10.96
CA ASP A 169 7.38 -9.19 12.26
C ASP A 169 7.55 -7.97 13.11
N VAL A 170 6.60 -7.70 13.98
CA VAL A 170 6.61 -6.49 14.85
C VAL A 170 7.84 -6.40 15.76
N PHE A 171 8.17 -7.53 16.35
CA PHE A 171 9.33 -7.56 17.24
C PHE A 171 10.66 -7.45 16.53
N LEU A 172 11.08 -8.27 15.64
CA LEU A 172 12.36 -8.24 14.99
C LEU A 172 12.49 -7.31 13.81
N GLY A 173 11.58 -7.42 12.83
CA GLY A 173 11.57 -6.65 11.65
C GLY A 173 11.26 -5.21 11.65
N LEU A 174 10.18 -4.71 12.17
CA LEU A 174 9.82 -3.31 12.18
C LEU A 174 10.78 -2.24 12.53
N PRO A 175 11.49 -2.38 13.63
CA PRO A 175 12.49 -1.39 14.08
C PRO A 175 13.52 -1.20 12.96
N PHE A 176 13.84 -2.28 12.33
CA PHE A 176 14.84 -2.34 11.23
C PHE A 176 14.22 -1.70 9.98
N ASN A 177 13.05 -2.04 9.53
CA ASN A 177 12.32 -1.54 8.42
C ASN A 177 12.10 -0.05 8.60
N ILE A 178 11.68 0.43 9.79
CA ILE A 178 11.58 1.89 9.93
C ILE A 178 12.89 2.64 9.86
N ALA A 179 13.95 2.22 10.48
CA ALA A 179 15.24 2.88 10.48
C ALA A 179 15.74 3.04 9.07
N SER A 180 15.53 2.05 8.23
CA SER A 180 15.91 1.91 6.81
C SER A 180 15.20 2.87 5.90
N TYR A 181 13.91 2.93 5.90
CA TYR A 181 13.17 3.90 5.08
C TYR A 181 13.46 5.29 5.46
N ALA A 182 13.72 5.58 6.75
CA ALA A 182 14.05 6.92 7.29
C ALA A 182 15.39 7.43 6.77
N LEU A 183 16.32 6.54 6.63
CA LEU A 183 17.67 6.74 6.08
C LEU A 183 17.51 7.06 4.55
N LEU A 184 16.70 6.30 3.88
CA LEU A 184 16.38 6.54 2.53
C LEU A 184 15.82 7.96 2.33
N VAL A 185 14.79 8.30 3.03
CA VAL A 185 14.18 9.64 2.97
C VAL A 185 15.25 10.75 3.15
N HIS A 186 16.17 10.63 4.12
CA HIS A 186 17.24 11.54 4.39
C HIS A 186 18.15 11.57 3.16
N MET A 187 18.36 10.46 2.49
CA MET A 187 19.28 10.31 1.38
C MET A 187 18.74 11.10 0.19
N MET A 188 17.48 10.83 -0.11
CA MET A 188 16.78 11.49 -1.21
C MET A 188 16.64 13.01 -1.01
N ALA A 189 16.20 13.40 0.14
CA ALA A 189 16.01 14.81 0.59
C ALA A 189 17.32 15.60 0.45
N GLN A 190 18.43 15.05 0.83
CA GLN A 190 19.77 15.59 0.69
C GLN A 190 20.09 15.62 -0.85
N GLN A 191 19.66 14.67 -1.67
CA GLN A 191 20.00 14.76 -3.05
C GLN A 191 19.20 15.90 -3.73
N CYS A 192 18.00 16.04 -3.20
CA CYS A 192 17.13 17.03 -3.86
C CYS A 192 17.12 18.41 -3.27
N ASP A 193 17.94 18.76 -2.33
CA ASP A 193 17.95 20.05 -1.65
C ASP A 193 16.57 20.30 -0.96
N LEU A 194 16.00 19.23 -0.41
CA LEU A 194 14.70 19.32 0.27
C LEU A 194 14.95 19.02 1.75
N GLU A 195 13.93 19.39 2.57
CA GLU A 195 13.96 19.11 4.02
C GLU A 195 13.24 17.73 4.24
N VAL A 196 13.51 17.05 5.33
CA VAL A 196 12.85 15.74 5.50
C VAL A 196 11.48 16.06 6.11
N GLY A 197 10.47 15.31 5.69
CA GLY A 197 9.13 15.44 6.12
C GLY A 197 8.71 14.32 7.03
N ASP A 198 7.65 13.67 6.63
CA ASP A 198 7.16 12.54 7.45
C ASP A 198 7.42 11.20 6.74
N PHE A 199 7.54 10.16 7.48
CA PHE A 199 7.69 8.77 7.10
C PHE A 199 6.33 8.17 7.57
N VAL A 200 5.51 7.66 6.71
CA VAL A 200 4.24 7.00 7.05
C VAL A 200 4.39 5.46 6.92
N TRP A 201 4.17 4.70 7.99
CA TRP A 201 4.27 3.25 7.79
C TRP A 201 2.83 2.71 7.73
N THR A 202 2.48 1.90 6.81
CA THR A 202 1.15 1.31 6.71
C THR A 202 1.41 -0.22 6.68
N GLY A 203 0.68 -0.90 7.53
CA GLY A 203 0.79 -2.39 7.56
C GLY A 203 -0.33 -3.29 7.13
N GLY A 204 -0.02 -4.45 6.58
CA GLY A 204 -0.93 -5.50 6.25
C GLY A 204 -1.12 -6.42 7.48
N ASP A 205 -0.56 -7.63 7.34
CA ASP A 205 -0.62 -8.63 8.45
C ASP A 205 0.54 -8.18 9.38
N THR A 206 0.13 -7.55 10.50
CA THR A 206 1.08 -6.98 11.49
C THR A 206 1.04 -7.91 12.70
N HIS A 207 2.07 -8.67 12.89
CA HIS A 207 2.09 -9.73 13.92
C HIS A 207 3.27 -9.74 14.82
N LEU A 208 3.09 -10.57 15.86
CA LEU A 208 4.04 -10.87 16.94
C LEU A 208 4.10 -12.45 16.96
N TYR A 209 5.30 -12.95 16.84
CA TYR A 209 5.42 -14.41 16.89
C TYR A 209 5.24 -14.79 18.31
N SER A 210 4.90 -16.06 18.43
CA SER A 210 4.68 -16.81 19.66
C SER A 210 5.90 -16.88 20.58
N ASN A 211 6.98 -17.15 19.89
CA ASN A 211 8.28 -17.21 20.68
C ASN A 211 8.85 -15.81 20.93
N HIS A 212 8.00 -14.79 20.97
CA HIS A 212 8.41 -13.44 21.22
C HIS A 212 7.61 -12.72 22.30
N MET A 213 6.59 -13.26 22.88
CA MET A 213 5.80 -12.59 23.93
C MET A 213 6.56 -12.13 25.14
N ASP A 214 7.55 -12.91 25.59
CA ASP A 214 8.34 -12.49 26.77
C ASP A 214 9.14 -11.25 26.51
N GLN A 215 9.80 -11.18 25.37
CA GLN A 215 10.63 -10.06 24.92
C GLN A 215 9.69 -8.87 24.69
N THR A 216 8.53 -9.13 24.16
CA THR A 216 7.51 -8.10 24.01
C THR A 216 7.12 -7.51 25.36
N HIS A 217 6.80 -8.18 26.42
CA HIS A 217 6.41 -7.62 27.70
C HIS A 217 7.55 -6.94 28.40
N LEU A 218 8.76 -7.46 28.27
CA LEU A 218 10.00 -6.90 28.80
C LEU A 218 10.20 -5.53 28.16
N GLN A 219 10.15 -5.40 26.83
CA GLN A 219 10.34 -4.15 26.11
C GLN A 219 9.35 -3.07 26.50
N LEU A 220 8.12 -3.49 26.51
CA LEU A 220 6.93 -2.72 26.89
C LEU A 220 7.07 -2.21 28.31
N SER A 221 7.81 -2.85 29.20
CA SER A 221 7.93 -2.35 30.56
C SER A 221 8.92 -1.17 30.60
N ARG A 222 9.35 -0.68 29.42
CA ARG A 222 10.35 0.38 29.32
C ARG A 222 9.81 1.70 28.70
N GLU A 223 10.50 2.72 29.15
CA GLU A 223 10.21 4.11 28.75
C GLU A 223 11.18 4.56 27.71
N PRO A 224 10.68 5.03 26.58
CA PRO A 224 11.50 5.47 25.46
C PRO A 224 12.36 6.64 25.94
N ARG A 225 13.55 6.62 25.37
CA ARG A 225 14.58 7.64 25.58
C ARG A 225 14.43 8.63 24.39
N PRO A 226 14.96 9.81 24.55
CA PRO A 226 14.92 10.85 23.48
C PRO A 226 15.47 10.23 22.19
N LEU A 227 14.92 10.64 21.08
CA LEU A 227 15.32 10.07 19.76
C LEU A 227 16.68 10.49 19.35
N PRO A 228 17.45 9.62 18.72
CA PRO A 228 18.81 9.95 18.21
C PRO A 228 18.78 10.97 17.05
N LYS A 229 19.90 11.51 16.68
CA LYS A 229 20.07 12.50 15.61
C LYS A 229 21.02 11.92 14.57
N LEU A 230 20.56 12.14 13.34
CA LEU A 230 21.30 11.66 12.17
C LEU A 230 22.18 12.74 11.53
N ILE A 231 23.45 12.43 11.35
CA ILE A 231 24.28 13.47 10.67
C ILE A 231 24.98 12.88 9.46
N ILE A 232 24.89 13.55 8.30
CA ILE A 232 25.56 13.12 7.06
C ILE A 232 26.73 14.07 6.82
N LYS A 233 27.93 13.56 6.70
CA LYS A 233 29.15 14.33 6.55
C LYS A 233 29.59 14.64 5.15
N ARG A 234 28.73 14.32 4.21
CA ARG A 234 28.99 14.63 2.79
C ARG A 234 27.71 14.47 2.02
N ALA A 235 27.77 15.15 0.88
CA ALA A 235 26.82 15.20 -0.23
C ALA A 235 27.46 14.56 -1.51
N PRO A 236 27.31 13.25 -1.64
CA PRO A 236 27.90 12.54 -2.78
C PRO A 236 27.24 12.95 -4.11
N GLU A 237 27.90 12.73 -5.23
CA GLU A 237 27.35 13.17 -6.54
C GLU A 237 26.07 12.47 -6.87
N SER A 238 25.73 11.40 -6.18
CA SER A 238 24.52 10.61 -6.46
C SER A 238 24.11 9.74 -5.26
N ILE A 239 22.83 9.38 -5.24
CA ILE A 239 22.34 8.52 -4.17
C ILE A 239 23.08 7.18 -4.18
N PHE A 240 23.68 6.76 -5.29
CA PHE A 240 24.40 5.50 -5.45
C PHE A 240 25.85 5.57 -4.96
N ASP A 241 26.28 6.77 -4.57
CA ASP A 241 27.62 7.04 -4.07
C ASP A 241 27.89 7.15 -2.58
N TYR A 242 26.90 7.00 -1.74
CA TYR A 242 27.00 7.05 -0.28
C TYR A 242 27.93 5.95 0.20
N ARG A 243 28.62 6.21 1.31
CA ARG A 243 29.54 5.28 1.97
C ARG A 243 29.09 4.99 3.39
N PHE A 244 29.35 3.85 3.94
CA PHE A 244 28.96 3.56 5.34
C PHE A 244 29.38 4.69 6.33
N GLU A 245 30.63 5.18 6.18
CA GLU A 245 31.14 6.25 6.98
C GLU A 245 30.64 7.62 6.71
N ASP A 246 29.70 7.83 5.85
CA ASP A 246 29.19 9.20 5.61
C ASP A 246 28.14 9.49 6.65
N PHE A 247 27.82 8.55 7.45
CA PHE A 247 26.73 8.65 8.43
C PHE A 247 27.16 8.59 9.90
N GLU A 248 26.61 9.48 10.69
CA GLU A 248 26.89 9.44 12.14
C GLU A 248 25.56 9.60 12.89
N ILE A 249 25.36 8.82 13.92
CA ILE A 249 24.21 8.81 14.81
C ILE A 249 24.74 9.37 16.15
N GLU A 250 24.08 10.46 16.51
CA GLU A 250 24.46 11.14 17.74
C GLU A 250 23.35 11.10 18.79
N GLY A 251 23.71 10.91 20.02
CA GLY A 251 22.71 10.90 21.09
C GLY A 251 21.87 9.65 21.22
N TYR A 252 22.41 8.48 20.97
CA TYR A 252 21.66 7.22 21.06
C TYR A 252 22.08 6.61 22.39
N ASP A 253 21.16 6.48 23.29
CA ASP A 253 21.38 5.83 24.60
C ASP A 253 20.17 4.90 24.81
N PRO A 254 20.30 3.75 24.27
CA PRO A 254 19.20 2.76 24.37
C PRO A 254 19.31 1.91 25.65
N HIS A 255 18.13 1.34 25.89
CA HIS A 255 17.95 0.38 26.99
C HIS A 255 18.66 -0.85 26.44
N PRO A 256 18.82 -1.82 27.31
CA PRO A 256 19.52 -3.05 26.89
C PRO A 256 18.77 -3.79 25.77
N GLY A 257 19.63 -4.38 24.93
CA GLY A 257 19.23 -5.18 23.77
C GLY A 257 18.49 -6.42 24.26
N ILE A 258 17.52 -6.93 23.49
CA ILE A 258 16.74 -8.13 23.91
C ILE A 258 16.83 -9.21 22.84
N LYS A 259 17.21 -10.45 23.14
CA LYS A 259 17.31 -11.46 22.08
C LYS A 259 16.04 -12.24 21.84
N ALA A 260 15.78 -12.56 20.56
CA ALA A 260 14.56 -13.31 20.12
C ALA A 260 14.95 -14.11 18.91
N PRO A 261 14.42 -15.29 18.71
CA PRO A 261 14.74 -16.13 17.53
C PRO A 261 13.99 -15.71 16.27
N VAL A 262 14.58 -15.79 15.09
CA VAL A 262 13.84 -15.41 13.85
C VAL A 262 13.06 -16.65 13.38
N ALA A 263 11.90 -16.47 12.78
CA ALA A 263 11.12 -17.59 12.23
C ALA A 263 11.38 -17.76 10.71
N ILE A 264 11.71 -18.96 10.33
CA ILE A 264 12.00 -19.70 9.18
C ILE A 264 11.60 -19.37 7.76
N MET B 1 -21.51 9.24 4.52
CA MET B 1 -20.85 8.56 5.68
C MET B 1 -19.84 9.23 6.55
N LYS B 2 -19.79 8.89 7.89
CA LYS B 2 -19.00 9.42 8.96
C LYS B 2 -17.52 9.47 8.81
N GLN B 3 -16.81 8.47 8.47
CA GLN B 3 -15.35 8.45 8.28
C GLN B 3 -15.12 9.25 7.01
N TYR B 4 -16.00 9.04 6.03
CA TYR B 4 -16.00 9.71 4.74
C TYR B 4 -16.11 11.20 4.81
N LEU B 5 -17.00 11.74 5.69
CA LEU B 5 -17.27 13.18 5.87
C LEU B 5 -16.10 13.79 6.59
N GLU B 6 -15.66 12.95 7.52
CA GLU B 6 -14.51 13.31 8.39
C GLU B 6 -13.27 13.48 7.50
N LEU B 7 -13.01 12.71 6.52
CA LEU B 7 -11.81 12.94 5.66
C LEU B 7 -12.03 14.20 4.84
N MET B 8 -13.25 14.47 4.41
CA MET B 8 -13.56 15.68 3.60
C MET B 8 -13.16 16.95 4.31
N GLN B 9 -13.40 17.02 5.60
CA GLN B 9 -12.99 18.17 6.46
C GLN B 9 -11.49 18.25 6.75
N LYS B 10 -10.83 17.12 6.96
CA LYS B 10 -9.39 17.02 7.20
C LYS B 10 -8.65 17.70 6.04
N VAL B 11 -9.10 17.45 4.83
CA VAL B 11 -8.56 18.00 3.58
C VAL B 11 -8.66 19.49 3.47
N LEU B 12 -9.82 20.00 3.78
CA LEU B 12 -10.16 21.45 3.93
C LEU B 12 -9.36 22.05 5.10
N ASP B 13 -9.29 21.40 6.24
CA ASP B 13 -8.52 21.90 7.36
C ASP B 13 -7.01 21.86 7.11
N GLU B 14 -6.52 20.74 6.64
CA GLU B 14 -5.08 20.68 6.49
C GLU B 14 -4.46 20.60 5.15
N GLY B 15 -5.21 20.61 4.07
CA GLY B 15 -4.71 20.42 2.72
C GLY B 15 -3.73 21.48 2.26
N THR B 16 -2.82 21.01 1.43
CA THR B 16 -1.80 21.92 0.87
C THR B 16 -2.23 22.26 -0.52
N GLN B 17 -2.03 23.44 -0.93
CA GLN B 17 -2.40 23.91 -2.27
C GLN B 17 -1.52 23.30 -3.38
N LYS B 18 -2.01 22.49 -4.29
CA LYS B 18 -1.04 21.92 -5.26
C LYS B 18 -1.51 22.20 -6.65
N ASN B 19 -0.53 22.35 -7.53
CA ASN B 19 -0.68 22.59 -8.96
C ASN B 19 -0.68 21.13 -9.42
N ASP B 20 -1.71 20.67 -10.03
CA ASP B 20 -2.12 19.38 -10.53
C ASP B 20 -1.60 19.18 -11.93
N ARG B 21 -1.48 17.99 -12.45
CA ARG B 21 -1.07 17.56 -13.76
C ARG B 21 -2.15 18.00 -14.75
N THR B 22 -3.34 17.99 -14.26
CA THR B 22 -4.57 18.38 -15.04
C THR B 22 -4.56 19.90 -15.15
N GLY B 23 -3.77 20.53 -14.28
CA GLY B 23 -3.64 21.99 -14.21
C GLY B 23 -4.84 22.65 -13.52
N THR B 24 -5.60 21.88 -12.75
CA THR B 24 -6.80 22.25 -12.01
C THR B 24 -6.53 22.83 -10.61
N GLY B 25 -5.48 22.35 -9.94
CA GLY B 25 -5.17 22.83 -8.61
C GLY B 25 -5.96 21.91 -7.68
N THR B 26 -5.38 21.67 -6.54
CA THR B 26 -5.94 20.79 -5.51
C THR B 26 -5.55 21.21 -4.10
N LEU B 27 -6.26 20.70 -3.13
CA LEU B 27 -5.99 20.79 -1.70
C LEU B 27 -5.68 19.27 -1.41
N SER B 28 -4.54 19.00 -0.91
CA SER B 28 -4.05 17.68 -0.64
C SER B 28 -3.38 17.40 0.71
N ILE B 29 -3.55 16.13 1.06
CA ILE B 29 -2.95 15.52 2.26
C ILE B 29 -2.30 14.24 1.68
N PHE B 30 -1.27 13.71 2.33
CA PHE B 30 -0.48 12.54 2.05
C PHE B 30 -0.66 11.56 3.21
N GLY B 31 -1.13 10.37 2.96
CA GLY B 31 -1.35 9.35 4.00
C GLY B 31 -2.58 9.54 4.88
N HIS B 32 -3.56 8.69 4.60
CA HIS B 32 -4.86 8.65 5.31
C HIS B 32 -5.30 7.21 5.46
N GLN B 33 -6.07 6.80 6.43
CA GLN B 33 -6.51 5.42 6.56
C GLN B 33 -7.91 5.36 7.14
N MET B 34 -8.77 4.50 6.62
CA MET B 34 -10.15 4.41 7.20
C MET B 34 -10.55 2.97 7.14
N ARG B 35 -11.38 2.50 8.00
CA ARG B 35 -11.79 1.10 8.15
C ARG B 35 -13.28 0.95 8.15
N PHE B 36 -13.84 0.01 7.39
CA PHE B 36 -15.31 -0.14 7.38
C PHE B 36 -15.65 -1.57 7.78
N ASN B 37 -16.44 -1.72 8.79
CA ASN B 37 -16.83 -3.08 9.23
C ASN B 37 -18.06 -3.31 8.36
N LEU B 38 -17.92 -4.30 7.51
CA LEU B 38 -18.86 -4.75 6.51
C LEU B 38 -20.07 -5.40 7.12
N GLN B 39 -19.94 -5.84 8.37
CA GLN B 39 -21.04 -6.42 9.13
C GLN B 39 -22.05 -5.33 9.50
N ASP B 40 -21.63 -4.08 9.61
CA ASP B 40 -22.37 -2.89 9.96
C ASP B 40 -23.17 -2.28 8.82
N GLY B 41 -23.05 -2.71 7.58
CA GLY B 41 -23.77 -2.14 6.45
C GLY B 41 -22.85 -1.86 5.26
N PHE B 42 -23.44 -1.91 4.05
CA PHE B 42 -22.72 -1.67 2.79
C PHE B 42 -22.32 -0.21 2.71
N PRO B 43 -21.02 0.06 2.53
CA PRO B 43 -20.56 1.44 2.54
C PRO B 43 -20.87 2.17 1.27
N LEU B 44 -22.09 2.48 0.96
CA LEU B 44 -22.44 3.31 -0.24
C LEU B 44 -22.67 4.68 0.39
N VAL B 45 -22.12 5.82 -0.04
CA VAL B 45 -22.41 7.09 0.64
C VAL B 45 -23.89 7.46 0.49
N THR B 46 -24.42 8.01 1.58
CA THR B 46 -25.84 8.44 1.76
C THR B 46 -26.03 9.94 1.72
N THR B 47 -24.94 10.69 1.83
CA THR B 47 -24.86 12.15 1.85
C THR B 47 -24.98 12.67 0.44
N LYS B 48 -25.07 11.80 -0.56
CA LYS B 48 -25.23 12.03 -1.96
C LYS B 48 -25.77 10.71 -2.55
N ARG B 49 -26.69 10.85 -3.51
CA ARG B 49 -27.21 9.63 -4.12
C ARG B 49 -26.07 9.07 -4.97
N CYS B 50 -25.80 7.77 -4.73
CA CYS B 50 -24.74 7.10 -5.51
C CYS B 50 -25.44 6.21 -6.52
N HIS B 51 -24.91 6.10 -7.72
CA HIS B 51 -25.47 5.24 -8.77
C HIS B 51 -24.62 3.97 -8.96
N LEU B 52 -25.14 2.89 -8.47
CA LEU B 52 -24.55 1.56 -8.49
C LEU B 52 -24.43 0.75 -9.73
N ARG B 53 -25.06 0.98 -10.86
CA ARG B 53 -25.00 0.17 -12.09
C ARG B 53 -23.60 0.22 -12.73
N SER B 54 -23.06 1.42 -12.57
CA SER B 54 -21.73 1.80 -13.08
C SER B 54 -20.68 1.21 -12.13
N ILE B 55 -20.98 1.10 -10.84
CA ILE B 55 -20.01 0.51 -9.92
C ILE B 55 -19.96 -0.98 -10.24
N ILE B 56 -21.14 -1.56 -10.44
CA ILE B 56 -21.29 -2.98 -10.78
C ILE B 56 -20.68 -3.33 -12.08
N HIS B 57 -20.99 -2.67 -13.20
CA HIS B 57 -20.40 -3.01 -14.51
C HIS B 57 -18.88 -2.87 -14.55
N GLU B 58 -18.33 -1.79 -14.01
CA GLU B 58 -16.86 -1.61 -14.02
C GLU B 58 -16.16 -2.78 -13.37
N LEU B 59 -16.62 -3.30 -12.25
CA LEU B 59 -16.03 -4.43 -11.56
C LEU B 59 -16.24 -5.68 -12.36
N LEU B 60 -17.45 -5.92 -12.92
CA LEU B 60 -17.57 -7.17 -13.71
C LEU B 60 -16.64 -7.08 -14.91
N TRP B 61 -16.41 -5.87 -15.38
CA TRP B 61 -15.54 -5.52 -16.52
C TRP B 61 -14.14 -5.94 -16.14
N PHE B 62 -13.63 -5.52 -14.99
CA PHE B 62 -12.32 -5.87 -14.43
C PHE B 62 -12.16 -7.37 -14.29
N LEU B 63 -13.03 -8.12 -13.70
CA LEU B 63 -12.91 -9.56 -13.52
C LEU B 63 -12.97 -10.36 -14.79
N GLN B 64 -13.55 -9.76 -15.85
CA GLN B 64 -13.60 -10.36 -17.22
C GLN B 64 -12.24 -10.15 -17.87
N GLY B 65 -11.42 -9.25 -17.38
CA GLY B 65 -10.05 -8.98 -17.81
C GLY B 65 -9.98 -8.06 -19.04
N ASP B 66 -10.99 -7.19 -19.11
CA ASP B 66 -11.26 -6.22 -20.13
C ASP B 66 -10.72 -4.80 -19.91
N THR B 67 -10.18 -4.25 -21.00
CA THR B 67 -9.63 -2.92 -21.12
C THR B 67 -10.30 -2.14 -22.25
N ASN B 68 -11.35 -2.70 -22.82
CA ASN B 68 -12.10 -2.00 -23.85
C ASN B 68 -13.42 -1.48 -23.31
N ILE B 69 -13.73 -0.20 -23.49
CA ILE B 69 -14.98 0.35 -22.97
C ILE B 69 -16.21 -0.14 -23.75
N ALA B 70 -16.03 -1.00 -24.71
CA ALA B 70 -17.16 -1.55 -25.48
C ALA B 70 -18.22 -2.07 -24.52
N TYR B 71 -17.94 -3.14 -23.82
CA TYR B 71 -18.80 -3.77 -22.88
C TYR B 71 -19.56 -2.78 -22.04
N LEU B 72 -18.92 -1.70 -21.65
CA LEU B 72 -19.45 -0.67 -20.74
C LEU B 72 -20.51 0.08 -21.51
N HIS B 73 -20.17 0.62 -22.67
CA HIS B 73 -21.20 1.32 -23.46
C HIS B 73 -22.44 0.45 -23.69
N GLU B 74 -22.29 -0.82 -23.98
CA GLU B 74 -23.44 -1.69 -24.14
C GLU B 74 -24.30 -1.69 -22.88
N ASN B 75 -23.77 -1.32 -21.75
CA ASN B 75 -24.47 -1.28 -20.47
C ASN B 75 -24.75 0.15 -19.99
N ASN B 76 -24.47 1.04 -20.92
CA ASN B 76 -24.61 2.46 -20.72
C ASN B 76 -23.66 3.03 -19.71
N VAL B 77 -22.49 2.49 -19.48
CA VAL B 77 -21.57 3.13 -18.47
C VAL B 77 -20.52 3.91 -19.28
N THR B 78 -20.66 5.20 -18.97
CA THR B 78 -19.87 6.27 -19.64
C THR B 78 -18.61 6.76 -18.96
N ILE B 79 -18.38 6.24 -17.77
CA ILE B 79 -17.22 6.60 -16.93
C ILE B 79 -15.82 6.67 -17.53
N TRP B 80 -15.33 5.78 -18.33
CA TRP B 80 -14.01 5.72 -18.86
C TRP B 80 -13.83 6.33 -20.23
N ASP B 81 -14.83 7.09 -20.65
CA ASP B 81 -14.83 7.65 -22.00
C ASP B 81 -13.75 8.64 -22.35
N GLU B 82 -13.45 9.56 -21.43
CA GLU B 82 -12.42 10.54 -21.72
C GLU B 82 -11.01 9.96 -21.74
N TRP B 83 -10.84 8.69 -21.37
CA TRP B 83 -9.48 8.15 -21.38
C TRP B 83 -9.18 7.16 -22.49
N ALA B 84 -10.20 6.60 -23.09
CA ALA B 84 -9.94 5.57 -24.09
C ALA B 84 -9.62 6.28 -25.39
N ASP B 85 -8.90 5.52 -26.16
CA ASP B 85 -8.50 5.92 -27.52
C ASP B 85 -9.70 5.80 -28.49
N GLU B 86 -9.37 5.85 -29.76
CA GLU B 86 -10.34 5.77 -30.86
C GLU B 86 -10.94 4.37 -31.15
N ASN B 87 -10.32 3.33 -30.66
CA ASN B 87 -10.83 1.97 -30.72
C ASN B 87 -11.57 1.67 -29.43
N GLY B 88 -11.48 2.55 -28.45
CA GLY B 88 -12.17 2.42 -27.17
C GLY B 88 -11.23 1.68 -26.20
N ASP B 89 -9.95 1.75 -26.51
CA ASP B 89 -8.96 1.08 -25.66
C ASP B 89 -8.25 1.95 -24.62
N LEU B 90 -7.91 1.34 -23.48
CA LEU B 90 -7.22 2.00 -22.38
C LEU B 90 -5.79 1.58 -22.16
N GLY B 91 -5.42 0.49 -22.74
CA GLY B 91 -4.04 -0.06 -22.57
C GLY B 91 -4.21 -1.12 -21.47
N PRO B 92 -3.10 -1.63 -21.00
CA PRO B 92 -3.10 -2.71 -19.99
C PRO B 92 -3.40 -2.25 -18.60
N VAL B 93 -4.60 -1.70 -18.51
CA VAL B 93 -5.06 -1.16 -17.19
C VAL B 93 -5.47 -2.34 -16.32
N TYR B 94 -6.27 -2.00 -15.34
CA TYR B 94 -6.76 -2.91 -14.34
C TYR B 94 -7.13 -4.33 -14.70
N GLY B 95 -8.16 -4.47 -15.55
CA GLY B 95 -8.65 -5.81 -15.92
C GLY B 95 -7.55 -6.71 -16.39
N LYS B 96 -6.70 -6.19 -17.22
CA LYS B 96 -5.55 -6.82 -17.84
C LYS B 96 -4.57 -7.41 -16.82
N GLN B 97 -4.18 -6.63 -15.90
CA GLN B 97 -3.21 -6.91 -14.82
C GLN B 97 -3.82 -7.89 -13.83
N TRP B 98 -5.07 -7.81 -13.46
CA TRP B 98 -5.73 -8.73 -12.53
C TRP B 98 -5.67 -10.16 -13.09
N ARG B 99 -6.09 -10.22 -14.35
CA ARG B 99 -6.22 -11.46 -15.03
C ARG B 99 -5.07 -11.99 -15.85
N ALA B 100 -4.23 -11.13 -16.39
CA ALA B 100 -3.13 -11.62 -17.23
C ALA B 100 -1.85 -10.86 -17.07
N TRP B 101 -1.29 -10.96 -15.84
CA TRP B 101 -0.03 -10.17 -15.65
C TRP B 101 0.99 -10.86 -16.57
N PRO B 102 1.59 -10.15 -17.49
CA PRO B 102 2.59 -10.69 -18.44
C PRO B 102 3.99 -10.84 -17.86
N THR B 103 4.49 -12.09 -17.72
CA THR B 103 5.82 -12.27 -17.15
C THR B 103 6.78 -11.73 -18.22
N PRO B 104 8.05 -11.70 -17.83
CA PRO B 104 9.09 -11.21 -18.78
C PRO B 104 9.36 -12.35 -19.74
N ASP B 105 8.97 -13.58 -19.48
CA ASP B 105 9.23 -14.71 -20.37
C ASP B 105 8.09 -15.28 -21.22
N GLY B 106 7.14 -14.43 -21.59
CA GLY B 106 5.99 -14.77 -22.38
C GLY B 106 4.68 -15.02 -21.70
N ARG B 107 4.63 -15.87 -20.69
CA ARG B 107 3.51 -16.24 -19.84
C ARG B 107 2.69 -15.08 -19.24
N HIS B 108 1.56 -15.46 -18.63
CA HIS B 108 0.56 -14.67 -17.98
C HIS B 108 0.26 -15.37 -16.64
N ILE B 109 0.05 -14.44 -15.66
CA ILE B 109 -0.29 -14.82 -14.30
C ILE B 109 -1.74 -14.26 -14.08
N ASP B 110 -2.51 -15.21 -13.62
CA ASP B 110 -3.93 -14.84 -13.33
C ASP B 110 -3.96 -14.65 -11.83
N GLN B 111 -3.93 -13.31 -11.54
CA GLN B 111 -3.90 -12.96 -10.06
C GLN B 111 -5.22 -13.21 -9.31
N ILE B 112 -6.39 -13.18 -9.97
CA ILE B 112 -7.67 -13.50 -9.28
C ILE B 112 -7.81 -15.00 -9.03
N THR B 113 -7.36 -15.87 -9.93
CA THR B 113 -7.36 -17.32 -9.77
C THR B 113 -6.32 -17.66 -8.69
N THR B 114 -5.13 -16.98 -8.77
CA THR B 114 -4.15 -17.29 -7.66
C THR B 114 -4.80 -16.98 -6.29
N VAL B 115 -5.45 -15.86 -6.12
CA VAL B 115 -6.13 -15.46 -4.93
C VAL B 115 -7.23 -16.40 -4.46
N LEU B 116 -8.10 -16.81 -5.34
CA LEU B 116 -9.18 -17.77 -4.93
C LEU B 116 -8.61 -19.06 -4.39
N ASN B 117 -7.48 -19.48 -4.93
CA ASN B 117 -6.78 -20.73 -4.63
C ASN B 117 -6.14 -20.69 -3.26
N GLN B 118 -5.62 -19.49 -3.01
CA GLN B 118 -5.01 -19.18 -1.70
C GLN B 118 -6.01 -19.13 -0.56
N LEU B 119 -7.13 -18.42 -0.73
CA LEU B 119 -8.23 -18.25 0.20
C LEU B 119 -8.74 -19.65 0.53
N LYS B 120 -8.83 -20.49 -0.48
CA LYS B 120 -9.27 -21.88 -0.31
C LYS B 120 -8.26 -22.80 0.36
N ASN B 121 -7.03 -22.75 -0.04
CA ASN B 121 -6.01 -23.70 0.40
C ASN B 121 -4.98 -23.33 1.44
N ASP B 122 -4.85 -22.04 1.56
CA ASP B 122 -3.94 -21.37 2.46
C ASP B 122 -4.49 -20.04 2.95
N PRO B 123 -5.57 -20.00 3.69
CA PRO B 123 -6.13 -18.76 4.17
C PRO B 123 -5.20 -18.05 5.11
N ASP B 124 -4.27 -18.61 5.84
CA ASP B 124 -3.42 -17.90 6.74
C ASP B 124 -2.29 -17.11 6.04
N SER B 125 -2.05 -17.31 4.79
CA SER B 125 -1.02 -16.67 3.97
C SER B 125 -1.07 -15.16 4.20
N ARG B 126 0.16 -14.64 4.29
CA ARG B 126 0.42 -13.22 4.41
C ARG B 126 0.72 -12.72 3.00
N ARG B 127 0.48 -13.52 1.98
CA ARG B 127 0.78 -13.01 0.62
C ARG B 127 -0.41 -12.99 -0.30
N ILE B 128 -1.60 -12.77 0.16
CA ILE B 128 -2.77 -12.83 -0.72
C ILE B 128 -2.96 -11.46 -1.33
N ILE B 129 -2.17 -11.19 -2.39
CA ILE B 129 -2.20 -9.87 -3.04
C ILE B 129 -2.56 -9.84 -4.47
N VAL B 130 -3.10 -8.76 -4.94
CA VAL B 130 -3.48 -8.42 -6.29
C VAL B 130 -2.84 -7.01 -6.46
N SER B 131 -1.96 -6.88 -7.45
CA SER B 131 -1.23 -5.68 -7.78
C SER B 131 -1.60 -5.28 -9.22
N ALA B 132 -1.92 -4.03 -9.45
CA ALA B 132 -2.22 -3.52 -10.80
C ALA B 132 -1.08 -2.61 -11.28
N TRP B 133 -0.10 -2.38 -10.43
CA TRP B 133 1.08 -1.55 -10.59
C TRP B 133 2.24 -2.33 -11.26
N ASN B 134 2.01 -2.54 -12.57
CA ASN B 134 2.98 -3.27 -13.37
C ASN B 134 3.84 -2.16 -13.96
N VAL B 135 4.92 -1.88 -13.34
CA VAL B 135 5.91 -0.85 -13.70
C VAL B 135 6.30 -0.89 -15.17
N GLY B 136 6.35 -2.04 -15.75
CA GLY B 136 6.72 -2.45 -17.06
C GLY B 136 5.78 -2.06 -18.22
N GLU B 137 4.54 -1.76 -17.85
CA GLU B 137 3.51 -1.34 -18.77
C GLU B 137 2.79 -0.07 -18.38
N LEU B 138 3.39 0.73 -17.51
CA LEU B 138 2.81 1.99 -17.06
C LEU B 138 2.68 2.91 -18.29
N ASP B 139 3.74 3.00 -19.00
CA ASP B 139 3.94 3.76 -20.21
C ASP B 139 2.82 3.63 -21.26
N LYS B 140 2.26 2.46 -21.42
CA LYS B 140 1.22 1.94 -22.23
C LYS B 140 -0.16 2.12 -21.69
N MET B 141 -0.45 2.56 -20.50
CA MET B 141 -1.78 2.77 -19.91
C MET B 141 -2.41 4.14 -20.22
N ALA B 142 -3.70 4.26 -20.45
CA ALA B 142 -4.36 5.56 -20.67
C ALA B 142 -4.20 6.47 -19.47
N LEU B 143 -4.13 5.88 -18.28
CA LEU B 143 -3.91 6.58 -17.00
C LEU B 143 -3.34 5.54 -16.00
N ALA B 144 -2.43 5.92 -15.11
CA ALA B 144 -1.83 4.95 -14.16
C ALA B 144 -2.88 4.55 -13.11
N PRO B 145 -2.87 3.28 -12.68
CA PRO B 145 -3.84 2.82 -11.69
C PRO B 145 -3.88 3.71 -10.46
N CYS B 146 -5.00 4.21 -10.00
CA CYS B 146 -5.24 4.95 -8.79
C CYS B 146 -5.29 3.96 -7.61
N HIS B 147 -6.16 2.98 -7.76
CA HIS B 147 -6.41 1.89 -6.79
C HIS B 147 -5.39 0.90 -7.27
N ALA B 148 -4.20 0.95 -6.71
CA ALA B 148 -3.02 0.21 -7.13
C ALA B 148 -2.62 -1.17 -6.68
N PHE B 149 -3.07 -1.63 -5.53
CA PHE B 149 -2.60 -2.84 -4.86
C PHE B 149 -3.55 -3.19 -3.73
N PHE B 150 -3.81 -4.48 -3.50
CA PHE B 150 -4.72 -4.87 -2.45
C PHE B 150 -4.35 -6.24 -1.85
N GLN B 151 -4.79 -6.42 -0.62
CA GLN B 151 -4.51 -7.62 0.12
C GLN B 151 -5.72 -8.01 0.92
N PHE B 152 -5.98 -9.29 0.93
CA PHE B 152 -6.97 -10.11 1.61
C PHE B 152 -6.31 -10.77 2.81
N TYR B 153 -7.16 -11.02 3.78
CA TYR B 153 -6.72 -11.60 5.07
C TYR B 153 -7.85 -12.35 5.71
N VAL B 154 -7.66 -13.54 6.20
CA VAL B 154 -8.74 -14.30 6.87
C VAL B 154 -8.29 -14.47 8.36
N ALA B 155 -9.24 -14.09 9.19
CA ALA B 155 -9.08 -14.18 10.61
C ALA B 155 -10.15 -14.95 11.32
N ASP B 156 -11.33 -14.55 11.70
CA ASP B 156 -12.10 -15.59 12.50
C ASP B 156 -13.24 -16.02 11.60
N GLY B 157 -12.80 -16.76 10.59
CA GLY B 157 -13.83 -17.15 9.59
C GLY B 157 -14.26 -15.88 8.85
N LYS B 158 -13.70 -14.71 9.10
CA LYS B 158 -14.06 -13.53 8.28
C LYS B 158 -12.96 -13.08 7.29
N LEU B 159 -13.37 -12.53 6.15
CA LEU B 159 -12.58 -12.03 5.06
C LEU B 159 -12.40 -10.50 4.99
N SER B 160 -11.15 -10.04 5.27
CA SER B 160 -10.82 -8.63 5.19
C SER B 160 -10.00 -8.31 3.94
N CYS B 161 -9.97 -7.03 3.58
CA CYS B 161 -9.28 -6.56 2.39
C CYS B 161 -8.69 -5.16 2.63
N GLN B 162 -7.44 -4.94 2.24
CA GLN B 162 -6.88 -3.63 2.43
C GLN B 162 -6.49 -3.13 1.07
N LEU B 163 -6.88 -1.97 0.68
CA LEU B 163 -6.52 -1.34 -0.53
C LEU B 163 -5.56 -0.17 -0.21
N TYR B 164 -4.56 0.05 -1.07
CA TYR B 164 -3.61 1.08 -1.13
C TYR B 164 -3.99 1.86 -2.41
N GLN B 165 -4.42 3.09 -2.22
CA GLN B 165 -4.86 4.02 -3.26
C GLN B 165 -3.77 5.07 -3.41
N ARG B 166 -2.99 5.15 -4.48
CA ARG B 166 -1.93 6.12 -4.59
C ARG B 166 -2.47 7.51 -4.86
N SER B 167 -3.62 7.74 -5.38
CA SER B 167 -4.18 9.02 -5.75
C SER B 167 -5.69 8.89 -5.62
N CYS B 168 -6.19 9.86 -4.89
CA CYS B 168 -7.65 9.91 -4.66
C CYS B 168 -8.31 11.24 -4.82
N ASP B 169 -9.35 11.22 -5.68
CA ASP B 169 -10.14 12.49 -5.88
C ASP B 169 -11.16 12.28 -4.76
N VAL B 170 -11.14 13.00 -3.65
CA VAL B 170 -12.06 12.75 -2.54
C VAL B 170 -13.53 12.82 -2.89
N PHE B 171 -13.97 13.88 -3.59
CA PHE B 171 -15.36 14.09 -3.97
C PHE B 171 -15.94 13.10 -4.94
N LEU B 172 -15.33 12.90 -6.07
CA LEU B 172 -15.72 12.05 -7.15
C LEU B 172 -15.26 10.61 -7.16
N GLY B 173 -13.99 10.27 -7.06
CA GLY B 173 -13.50 8.89 -7.09
C GLY B 173 -13.72 8.12 -5.79
N LEU B 174 -13.44 8.66 -4.62
CA LEU B 174 -13.55 7.96 -3.33
C LEU B 174 -14.75 7.11 -3.08
N PRO B 175 -15.95 7.63 -3.16
CA PRO B 175 -17.20 6.86 -2.93
C PRO B 175 -17.31 5.66 -3.82
N PHE B 176 -16.86 5.75 -5.07
CA PHE B 176 -16.91 4.75 -6.12
C PHE B 176 -16.06 3.54 -5.82
N ASN B 177 -14.81 3.78 -5.57
CA ASN B 177 -13.76 2.83 -5.21
C ASN B 177 -14.12 2.07 -3.92
N ILE B 178 -14.73 2.81 -3.00
CA ILE B 178 -15.11 2.25 -1.70
C ILE B 178 -16.19 1.23 -1.93
N ALA B 179 -17.20 1.57 -2.68
CA ALA B 179 -18.31 0.63 -2.98
C ALA B 179 -17.84 -0.57 -3.77
N SER B 180 -16.99 -0.28 -4.76
CA SER B 180 -16.38 -1.28 -5.67
C SER B 180 -15.71 -2.34 -4.81
N TYR B 181 -14.73 -1.95 -4.00
CA TYR B 181 -14.01 -2.84 -3.11
C TYR B 181 -14.92 -3.44 -2.07
N ALA B 182 -15.91 -2.86 -1.50
CA ALA B 182 -16.86 -3.49 -0.56
C ALA B 182 -17.57 -4.58 -1.34
N LEU B 183 -17.88 -4.32 -2.61
CA LEU B 183 -18.53 -5.30 -3.45
C LEU B 183 -17.69 -6.55 -3.73
N LEU B 184 -16.43 -6.39 -4.13
CA LEU B 184 -15.60 -7.59 -4.36
C LEU B 184 -15.53 -8.48 -3.14
N VAL B 185 -15.33 -7.99 -1.95
CA VAL B 185 -15.20 -8.61 -0.64
C VAL B 185 -16.35 -9.59 -0.43
N HIS B 186 -17.57 -9.15 -0.62
CA HIS B 186 -18.79 -9.95 -0.53
C HIS B 186 -18.79 -11.07 -1.59
N MET B 187 -18.27 -10.78 -2.77
CA MET B 187 -18.21 -11.75 -3.85
C MET B 187 -17.21 -12.82 -3.47
N MET B 188 -16.04 -12.46 -3.00
CA MET B 188 -15.00 -13.40 -2.57
C MET B 188 -15.55 -14.11 -1.32
N ALA B 189 -16.15 -13.43 -0.38
CA ALA B 189 -16.66 -14.11 0.86
C ALA B 189 -17.59 -15.23 0.46
N GLN B 190 -18.59 -15.00 -0.40
CA GLN B 190 -19.54 -15.97 -0.89
C GLN B 190 -18.96 -17.18 -1.62
N GLN B 191 -18.09 -16.92 -2.56
CA GLN B 191 -17.33 -17.87 -3.33
C GLN B 191 -16.33 -18.61 -2.41
N CYS B 192 -16.13 -18.21 -1.18
CA CYS B 192 -15.14 -18.84 -0.31
C CYS B 192 -15.80 -19.28 0.97
N ASP B 193 -17.08 -18.99 1.08
CA ASP B 193 -17.90 -19.33 2.23
C ASP B 193 -17.22 -18.83 3.50
N LEU B 194 -16.97 -17.52 3.49
CA LEU B 194 -16.34 -16.79 4.60
C LEU B 194 -17.39 -15.73 4.97
N GLU B 195 -17.13 -15.18 6.08
CA GLU B 195 -17.95 -14.10 6.70
C GLU B 195 -17.38 -12.78 6.18
N VAL B 196 -18.10 -11.68 6.02
CA VAL B 196 -17.43 -10.46 5.55
C VAL B 196 -16.73 -9.87 6.80
N GLY B 197 -15.58 -9.29 6.55
CA GLY B 197 -14.75 -8.65 7.56
C GLY B 197 -14.74 -7.13 7.49
N ASP B 198 -13.55 -6.56 7.50
CA ASP B 198 -13.28 -5.15 7.38
C ASP B 198 -12.71 -4.87 5.99
N PHE B 199 -13.07 -3.66 5.55
CA PHE B 199 -12.51 -3.17 4.24
C PHE B 199 -11.66 -2.01 4.79
N VAL B 200 -10.37 -1.97 4.77
CA VAL B 200 -9.44 -0.97 5.19
C VAL B 200 -8.99 -0.18 3.95
N TRP B 201 -9.10 1.11 3.94
CA TRP B 201 -8.68 1.96 2.85
C TRP B 201 -7.48 2.80 3.22
N THR B 202 -6.38 2.77 2.53
CA THR B 202 -5.21 3.63 2.81
C THR B 202 -4.94 4.47 1.57
N GLY B 203 -4.73 5.78 1.63
CA GLY B 203 -4.45 6.45 0.33
C GLY B 203 -3.11 7.18 0.44
N GLY B 204 -2.61 7.63 -0.71
CA GLY B 204 -1.38 8.44 -0.75
C GLY B 204 -1.92 9.87 -0.94
N ASP B 205 -1.64 10.45 -2.08
CA ASP B 205 -2.09 11.79 -2.44
C ASP B 205 -3.61 11.81 -2.35
N THR B 206 -4.21 12.24 -1.27
CA THR B 206 -5.66 12.28 -0.99
C THR B 206 -6.08 13.72 -1.24
N HIS B 207 -6.84 14.04 -2.31
CA HIS B 207 -7.10 15.44 -2.59
C HIS B 207 -8.51 15.91 -2.97
N LEU B 208 -8.68 17.25 -2.83
CA LEU B 208 -9.95 17.89 -3.27
C LEU B 208 -9.58 18.85 -4.41
N TYR B 209 -10.27 18.71 -5.53
CA TYR B 209 -10.04 19.56 -6.73
C TYR B 209 -10.65 20.93 -6.39
N SER B 210 -9.99 22.00 -6.84
CA SER B 210 -10.44 23.37 -6.56
C SER B 210 -11.85 23.58 -7.01
N ASN B 211 -12.27 23.02 -8.14
CA ASN B 211 -13.65 23.19 -8.61
C ASN B 211 -14.64 22.25 -7.94
N HIS B 212 -14.33 21.71 -6.78
CA HIS B 212 -15.26 20.84 -6.06
C HIS B 212 -15.51 21.47 -4.67
N MET B 213 -15.28 22.74 -4.54
CA MET B 213 -15.40 23.42 -3.30
C MET B 213 -16.83 23.69 -2.88
N ASP B 214 -17.66 23.99 -3.85
CA ASP B 214 -19.09 24.23 -3.56
C ASP B 214 -19.84 22.95 -3.22
N GLN B 215 -19.56 21.91 -3.91
CA GLN B 215 -20.19 20.58 -3.83
C GLN B 215 -19.77 19.99 -2.50
N THR B 216 -18.57 20.27 -2.07
CA THR B 216 -18.06 19.74 -0.81
C THR B 216 -18.75 20.37 0.39
N HIS B 217 -18.82 21.70 0.34
CA HIS B 217 -19.50 22.51 1.35
C HIS B 217 -20.93 22.01 1.53
N LEU B 218 -21.60 21.80 0.39
CA LEU B 218 -22.98 21.33 0.33
C LEU B 218 -23.05 19.99 1.06
N GLN B 219 -22.10 19.15 0.65
CA GLN B 219 -22.01 17.77 1.18
C GLN B 219 -21.75 17.74 2.68
N LEU B 220 -20.77 18.51 3.11
CA LEU B 220 -20.37 18.47 4.49
C LEU B 220 -21.49 18.84 5.44
N SER B 221 -22.48 19.57 4.92
CA SER B 221 -23.63 20.03 5.70
C SER B 221 -24.82 19.11 5.65
N ARG B 222 -24.75 17.85 5.37
CA ARG B 222 -25.86 16.89 5.35
C ARG B 222 -25.62 15.77 6.33
N GLU B 223 -26.66 15.12 6.85
CA GLU B 223 -26.48 14.11 7.87
C GLU B 223 -26.42 12.68 7.31
N PRO B 224 -25.34 12.05 7.71
CA PRO B 224 -25.14 10.65 7.28
C PRO B 224 -26.42 9.87 7.67
N ARG B 225 -26.84 8.93 6.83
CA ARG B 225 -27.98 8.07 7.18
C ARG B 225 -27.41 6.63 7.33
N PRO B 226 -28.30 5.72 7.66
CA PRO B 226 -28.00 4.31 7.86
C PRO B 226 -27.60 3.62 6.57
N LEU B 227 -26.60 2.77 6.68
CA LEU B 227 -26.07 2.05 5.53
C LEU B 227 -26.95 0.97 4.99
N PRO B 228 -27.14 0.90 3.69
CA PRO B 228 -27.93 -0.12 3.03
C PRO B 228 -27.37 -1.51 3.36
N LYS B 229 -28.13 -2.48 2.91
CA LYS B 229 -27.82 -3.89 3.07
C LYS B 229 -27.49 -4.39 1.67
N LEU B 230 -26.46 -5.18 1.48
CA LEU B 230 -26.16 -5.68 0.13
C LEU B 230 -26.73 -7.10 0.07
N ILE B 231 -27.38 -7.46 -1.00
CA ILE B 231 -27.97 -8.77 -1.19
C ILE B 231 -27.49 -9.34 -2.50
N ILE B 232 -27.08 -10.58 -2.42
CA ILE B 232 -26.62 -11.26 -3.65
C ILE B 232 -27.71 -12.30 -3.94
N LYS B 233 -28.48 -12.05 -4.99
CA LYS B 233 -29.59 -12.94 -5.34
C LYS B 233 -29.19 -14.34 -5.69
N ARG B 234 -28.09 -14.68 -6.35
CA ARG B 234 -27.73 -16.06 -6.65
C ARG B 234 -26.24 -16.31 -6.45
N ALA B 235 -25.91 -17.58 -6.36
CA ALA B 235 -24.52 -17.98 -6.13
C ALA B 235 -23.92 -18.64 -7.35
N PRO B 236 -23.31 -17.78 -8.17
CA PRO B 236 -22.63 -18.19 -9.41
C PRO B 236 -21.70 -19.34 -9.05
N GLU B 237 -21.33 -20.10 -10.03
CA GLU B 237 -20.45 -21.27 -9.90
C GLU B 237 -18.98 -20.86 -9.85
N SER B 238 -18.75 -19.55 -10.06
CA SER B 238 -17.43 -18.93 -10.00
C SER B 238 -17.53 -17.42 -9.90
N ILE B 239 -16.51 -16.81 -9.34
CA ILE B 239 -16.47 -15.30 -9.18
C ILE B 239 -16.53 -14.68 -10.60
N PHE B 240 -16.20 -15.53 -11.59
CA PHE B 240 -16.21 -15.00 -12.96
C PHE B 240 -17.58 -14.91 -13.55
N ASP B 241 -18.57 -15.43 -12.82
CA ASP B 241 -19.94 -15.41 -13.32
C ASP B 241 -20.94 -14.59 -12.56
N TYR B 242 -20.66 -13.40 -12.10
CA TYR B 242 -21.78 -12.66 -11.41
C TYR B 242 -22.42 -11.78 -12.49
N ARG B 243 -23.52 -11.11 -12.15
CA ARG B 243 -24.14 -10.27 -13.17
C ARG B 243 -24.93 -9.15 -12.63
N PHE B 244 -25.08 -8.10 -13.35
CA PHE B 244 -25.80 -6.92 -12.92
C PHE B 244 -26.93 -7.32 -11.99
N GLU B 245 -27.83 -8.08 -12.56
CA GLU B 245 -29.03 -8.64 -11.91
C GLU B 245 -28.92 -9.46 -10.64
N ASP B 246 -27.75 -9.96 -10.27
CA ASP B 246 -27.40 -10.72 -9.12
C ASP B 246 -27.31 -9.97 -7.80
N PHE B 247 -27.19 -8.66 -7.88
CA PHE B 247 -26.98 -7.81 -6.69
C PHE B 247 -28.10 -6.82 -6.41
N GLU B 248 -28.62 -6.83 -5.17
CA GLU B 248 -29.71 -5.89 -4.86
C GLU B 248 -29.29 -5.14 -3.61
N ILE B 249 -29.63 -3.90 -3.41
CA ILE B 249 -29.30 -3.14 -2.22
C ILE B 249 -30.69 -2.66 -1.70
N GLU B 250 -30.84 -2.78 -0.40
CA GLU B 250 -32.05 -2.37 0.29
C GLU B 250 -31.53 -1.51 1.48
N GLY B 251 -32.35 -0.55 1.81
CA GLY B 251 -32.23 0.40 2.84
C GLY B 251 -31.55 1.69 2.44
N TYR B 252 -31.27 1.88 1.18
CA TYR B 252 -30.59 3.09 0.75
C TYR B 252 -31.47 4.29 0.45
N ASP B 253 -31.58 5.30 1.30
CA ASP B 253 -32.36 6.47 0.84
C ASP B 253 -31.32 7.60 1.08
N PRO B 254 -30.60 7.89 0.03
CA PRO B 254 -29.53 8.91 0.11
C PRO B 254 -30.09 10.30 -0.04
N HIS B 255 -29.27 11.27 0.19
CA HIS B 255 -29.67 12.69 0.07
C HIS B 255 -29.68 12.86 -1.46
N PRO B 256 -30.25 13.94 -1.94
CA PRO B 256 -30.31 14.24 -3.36
C PRO B 256 -28.85 14.31 -3.80
N GLY B 257 -28.65 14.55 -5.07
CA GLY B 257 -27.57 14.73 -5.87
C GLY B 257 -26.27 14.99 -6.36
N ILE B 258 -25.70 16.10 -6.13
CA ILE B 258 -24.45 16.77 -6.44
C ILE B 258 -23.78 16.31 -7.71
N LYS B 259 -23.71 17.20 -8.64
CA LYS B 259 -23.07 17.16 -9.96
C LYS B 259 -21.81 18.03 -9.92
N ALA B 260 -20.65 17.58 -10.28
CA ALA B 260 -19.33 18.23 -10.28
C ALA B 260 -18.56 17.68 -11.52
N PRO B 261 -17.75 18.56 -12.09
CA PRO B 261 -16.97 18.21 -13.30
C PRO B 261 -15.81 17.32 -13.00
N VAL B 262 -15.31 16.51 -13.89
CA VAL B 262 -14.18 15.62 -13.71
C VAL B 262 -12.94 16.33 -14.27
N ALA B 263 -11.83 16.08 -13.61
CA ALA B 263 -10.53 16.61 -13.93
C ALA B 263 -9.85 15.73 -14.96
N ILE B 264 -9.62 16.32 -16.06
CA ILE B 264 -9.07 15.68 -17.39
C ILE B 264 -7.70 15.10 -17.47
N1 UMP C . 9.53 -9.63 7.55
C2 UMP C . 9.45 -8.28 7.95
N3 UMP C . 10.38 -7.39 7.49
C4 UMP C . 11.34 -7.67 6.55
C5 UMP C . 11.31 -9.09 6.13
C6 UMP C . 10.03 -9.76 6.23
O2 UMP C . 8.92 -7.97 8.93
O4 UMP C . 11.84 -6.80 5.86
C1' UMP C . 8.88 -10.61 8.10
C2' UMP C . 7.25 -10.66 8.23
C3' UMP C . 7.06 -12.17 8.42
C4' UMP C . 8.15 -12.81 7.53
O3' UMP C . 7.24 -12.57 9.78
O4' UMP C . 9.29 -11.99 7.69
C5' UMP C . 7.94 -13.18 6.20
O5' UMP C . 7.06 -14.12 5.97
P UMP C . 5.83 -14.23 5.03
OP1 UMP C . 5.25 -15.61 5.10
OP2 UMP C . 4.73 -13.17 5.51
OP3 UMP C . 6.38 -13.92 3.60
N1 CB3 D . 11.73 -13.32 8.79
C2 CB3 D . 11.14 -13.11 9.92
NA2 CB3 D . 10.37 -14.22 10.53
N3 CB3 D . 11.25 -11.91 10.52
C4 CB3 D . 11.88 -10.89 10.03
O4 CB3 D . 11.94 -9.80 10.63
C4A CB3 D . 12.70 -11.17 9.01
C5 CB3 D . 13.64 -10.24 8.65
C6 CB3 D . 14.45 -10.54 7.58
C7 CB3 D . 14.21 -11.77 6.81
C8 CB3 D . 13.24 -12.60 7.14
C8A CB3 D . 12.49 -12.33 8.28
C9 CB3 D . 15.51 -9.63 7.06
N10 CB3 D . 16.12 -8.56 7.94
C11 CB3 D . 17.13 -9.72 11.87
C12 CB3 D . 17.10 -10.67 10.90
C13 CB3 D . 16.77 -10.28 9.59
C14 CB3 D . 16.48 -8.96 9.31
C15 CB3 D . 16.49 -8.02 10.33
C16 CB3 D . 16.81 -8.39 11.65
C CB3 D . 17.57 -10.21 13.28
O CB3 D . 17.91 -11.33 13.63
N CB3 D . 18.06 -9.26 14.05
CA CB3 D . 18.65 -8.84 15.28
CB CB3 D . 17.79 -8.54 16.57
CG CB3 D . 17.61 -7.03 16.58
CD CB3 D . 16.17 -6.93 15.69
OE1 CB3 D . 16.50 -5.75 15.07
OE2 CB3 D . 15.22 -7.96 15.98
CT CB3 D . 19.81 -9.79 15.71
O1 CB3 D . 19.43 -10.93 16.19
O2 CB3 D . 20.94 -9.18 15.50
CP1 CB3 D . 15.81 -7.16 7.62
CP2 CB3 D . 14.47 -6.82 8.32
CP3 CB3 D . 13.44 -6.55 8.83
N1 UMP E . -8.87 8.70 -9.67
C2 UMP E . -9.72 8.20 -8.59
N3 UMP E . -9.86 6.82 -8.46
C4 UMP E . -9.90 6.04 -9.61
C5 UMP E . -9.27 6.73 -10.76
C6 UMP E . -8.28 7.69 -10.39
O2 UMP E . -9.80 8.64 -7.51
O4 UMP E . -10.40 4.94 -9.73
C1' UMP E . -8.36 9.90 -9.73
C2' UMP E . -7.24 10.56 -8.76
C3' UMP E . -6.62 11.73 -9.52
C4' UMP E . -6.83 11.32 -10.97
O3' UMP E . -7.30 12.95 -9.30
O4' UMP E . -8.08 10.58 -11.00
C5' UMP E . -5.72 10.52 -11.52
O5' UMP E . -4.75 11.41 -11.70
P UMP E . -3.22 11.09 -11.40
OP1 UMP E . -3.26 10.84 -9.93
OP2 UMP E . -2.85 9.81 -12.28
OP3 UMP E . -2.50 12.31 -11.88
N1 CB3 F . -10.16 11.39 -13.00
C2 CB3 F . -10.39 12.23 -12.05
NA2 CB3 F . -9.82 13.57 -12.18
N3 CB3 F . -11.13 11.87 -10.95
C4 CB3 F . -11.64 10.68 -10.82
O4 CB3 F . -12.30 10.38 -9.85
C4A CB3 F . -11.52 9.83 -11.84
C5 CB3 F . -12.21 8.65 -11.81
C6 CB3 F . -12.04 7.79 -12.85
C7 CB3 F . -11.06 8.05 -13.87
C8 CB3 F . -10.37 9.21 -13.85
C8A CB3 F . -10.59 10.10 -12.83
C9 CB3 F . -12.67 6.49 -13.12
N10 CB3 F . -14.11 6.29 -12.68
C11 CB3 F . -17.11 9.27 -12.44
C12 CB3 F . -17.09 8.31 -11.46
C13 CB3 F . -16.07 7.32 -11.55
C14 CB3 F . -15.14 7.29 -12.57
C15 CB3 F . -15.19 8.25 -13.54
C16 CB3 F . -16.19 9.27 -13.49
C CB3 F . -18.20 10.38 -12.40
O CB3 F . -18.17 11.39 -13.14
N CB3 F . -19.37 10.32 -11.69
CA CB3 F . -20.57 11.05 -11.41
CB CB3 F . -21.78 10.75 -12.38
CG CB3 F . -21.35 9.44 -13.06
CD CB3 F . -22.83 8.79 -13.36
OE1 CB3 F . -23.00 7.67 -12.69
OE2 CB3 F . -23.53 9.33 -14.29
CT CB3 F . -21.00 10.97 -9.90
O1 CB3 F . -21.05 12.03 -9.08
O2 CB3 F . -20.97 9.71 -9.51
CP1 CB3 F . -14.22 5.22 -11.62
CP2 CB3 F . -13.57 5.78 -10.33
CP3 CB3 F . -13.00 6.15 -9.32
#